data_5KW1
#
_entry.id   5KW1
#
_cell.length_a   62.428
_cell.length_b   62.428
_cell.length_c   83.313
_cell.angle_alpha   90.00
_cell.angle_beta   90.00
_cell.angle_gamma   120.00
#
_symmetry.space_group_name_H-M   'P 31'
#
loop_
_entity.id
_entity.type
_entity.pdbx_description
1 polymer 'Poly(U)-binding-splicing factor PUF60'
2 polymer 'DNA/RNA (30-MER)'
3 non-polymer 'CHLORIDE ION'
4 water water
#
loop_
_entity_poly.entity_id
_entity_poly.type
_entity_poly.pdbx_seq_one_letter_code
_entity_poly.pdbx_strand_id
1 'polypeptide(L)'
;GSHMASMTGGQQMGRGSAAQRQGALAIMSRVYVGSIYYELGEDTIRQAFAPFGPIKSIDMSWDSVTMKHKGFAFVEYEVP
EAAQLALEQMNSVMLGGRNIKVGRPSNIGQAQPIIDQLAEEARAFNRIYVASVHQDLSDDDIKSVFEAFGKIKSATLARD
PTTGKHKGYGFIEYEKAQSSQDAVSSMNLFDLGGQYLRVGKAVTPPMPLLTPATPG
;
A,B
2 'polydeoxyribonucleotide/polyribonucleotide hybrid'
;(DG)(DA)(DU)(DG)(DU)(DC)(DA)(DU)(DA)(DC)(DU)(DU)(DA)(DU)(DC)(DC)(DU)(DG)(DU)(DC)
(DC)(DC)(DU)(DU)(DU)(DU)(DU)(DU)(DU)(DU)
;
C
#
loop_
_chem_comp.id
_chem_comp.type
_chem_comp.name
_chem_comp.formula
CL non-polymer 'CHLORIDE ION' 'Cl -1'
DA DNA linking 2'-DEOXYADENOSINE-5'-MONOPHOSPHATE 'C10 H14 N5 O6 P'
DC DNA linking 2'-DEOXYCYTIDINE-5'-MONOPHOSPHATE 'C9 H14 N3 O7 P'
DG DNA linking 2'-DEOXYGUANOSINE-5'-MONOPHOSPHATE 'C10 H14 N5 O7 P'
DU DNA linking 2'-DEOXYURIDINE-5'-MONOPHOSPHATE 'C9 H13 N2 O8 P'
#
# COMPACT_ATOMS: atom_id res chain seq x y z
N GLY A 14 -22.51 -20.51 3.06
CA GLY A 14 -22.78 -19.37 3.99
C GLY A 14 -21.47 -18.98 4.66
N ARG A 15 -20.48 -19.81 4.41
CA ARG A 15 -19.10 -19.68 4.89
C ARG A 15 -18.82 -19.31 6.35
N GLY A 16 -18.45 -20.34 7.10
CA GLY A 16 -18.08 -20.18 8.49
C GLY A 16 -19.12 -20.05 9.58
N SER A 17 -18.83 -20.76 10.65
CA SER A 17 -19.65 -20.72 11.84
C SER A 17 -18.95 -19.68 12.67
N ALA A 18 -19.50 -19.38 13.83
CA ALA A 18 -18.94 -18.37 14.72
C ALA A 18 -17.47 -18.64 15.05
N ALA A 19 -17.14 -19.90 15.32
CA ALA A 19 -15.77 -20.28 15.67
C ALA A 19 -14.77 -20.10 14.55
N GLN A 20 -15.18 -20.45 13.32
CA GLN A 20 -14.34 -20.33 12.15
C GLN A 20 -14.05 -18.87 11.85
N ARG A 21 -15.10 -18.06 11.90
CA ARG A 21 -14.98 -16.64 11.67
C ARG A 21 -14.04 -16.00 12.70
N GLN A 22 -14.22 -16.35 13.97
CA GLN A 22 -13.36 -15.82 15.02
C GLN A 22 -11.90 -16.19 14.77
N GLY A 23 -11.66 -17.41 14.32
CA GLY A 23 -10.30 -17.84 14.06
C GLY A 23 -9.66 -17.03 12.94
N ALA A 24 -10.45 -16.69 11.92
CA ALA A 24 -9.95 -15.90 10.80
C ALA A 24 -9.65 -14.47 11.23
N LEU A 25 -10.57 -13.89 12.00
CA LEU A 25 -10.41 -12.53 12.48
C LEU A 25 -9.10 -12.37 13.24
N ALA A 26 -8.75 -13.36 14.04
CA ALA A 26 -7.51 -13.32 14.81
C ALA A 26 -6.29 -13.31 13.90
N ILE A 27 -6.33 -14.13 12.85
CA ILE A 27 -5.21 -14.18 11.92
C ILE A 27 -5.13 -12.87 11.16
N MET A 28 -6.29 -12.33 10.84
CA MET A 28 -6.38 -11.07 10.11
C MET A 28 -5.87 -9.89 10.93
N SER A 29 -5.77 -10.06 12.25
CA SER A 29 -5.32 -8.98 13.10
C SER A 29 -3.81 -8.97 13.34
N ARG A 30 -3.10 -9.92 12.75
CA ARG A 30 -1.64 -9.97 12.95
C ARG A 30 -0.84 -9.76 11.67
N VAL A 31 0.31 -9.12 11.78
CA VAL A 31 1.17 -8.92 10.62
C VAL A 31 2.58 -9.41 10.92
N TYR A 32 3.19 -10.00 9.90
CA TYR A 32 4.56 -10.46 10.00
C TYR A 32 5.42 -9.23 9.79
N VAL A 33 6.47 -9.09 10.58
CA VAL A 33 7.39 -7.99 10.45
C VAL A 33 8.79 -8.61 10.41
N GLY A 34 9.47 -8.45 9.28
CA GLY A 34 10.79 -9.03 9.13
C GLY A 34 11.89 -8.04 8.85
N SER A 35 13.11 -8.56 8.87
CA SER A 35 14.32 -7.79 8.61
C SER A 35 14.50 -6.69 9.66
N ILE A 36 14.24 -7.06 10.92
CA ILE A 36 14.40 -6.14 12.04
C ILE A 36 15.86 -6.09 12.49
N TYR A 37 16.42 -4.89 12.52
CA TYR A 37 17.81 -4.71 12.93
C TYR A 37 18.04 -5.35 14.29
N TYR A 38 19.15 -6.07 14.44
CA TYR A 38 19.46 -6.77 15.68
C TYR A 38 19.37 -5.91 16.94
N GLU A 39 19.77 -4.64 16.83
CA GLU A 39 19.75 -3.74 17.98
C GLU A 39 18.34 -3.29 18.40
N LEU A 40 17.38 -3.39 17.50
CA LEU A 40 16.02 -2.95 17.81
C LEU A 40 15.25 -3.98 18.60
N GLY A 41 14.36 -3.50 19.48
CA GLY A 41 13.57 -4.40 20.30
C GLY A 41 12.07 -4.14 20.24
N GLU A 42 11.34 -4.86 21.06
CA GLU A 42 9.88 -4.76 21.16
C GLU A 42 9.36 -3.32 21.17
N ASP A 43 9.97 -2.50 22.03
CA ASP A 43 9.59 -1.09 22.18
C ASP A 43 9.64 -0.26 20.90
N THR A 44 10.69 -0.44 20.11
CA THR A 44 10.82 0.32 18.88
C THR A 44 9.77 -0.13 17.89
N ILE A 45 9.56 -1.44 17.80
CA ILE A 45 8.54 -1.96 16.90
C ILE A 45 7.15 -1.45 17.29
N ARG A 46 6.84 -1.49 18.58
CA ARG A 46 5.56 -1.02 19.07
C ARG A 46 5.35 0.45 18.70
N GLN A 47 6.37 1.28 18.93
CA GLN A 47 6.25 2.70 18.62
C GLN A 47 6.05 2.94 17.13
N ALA A 48 6.66 2.09 16.31
CA ALA A 48 6.55 2.20 14.84
C ALA A 48 5.21 1.74 14.28
N PHE A 49 4.59 0.75 14.93
CA PHE A 49 3.31 0.21 14.47
C PHE A 49 2.04 0.70 15.18
N ALA A 50 2.22 1.37 16.32
CA ALA A 50 1.07 1.87 17.09
C ALA A 50 0.18 2.91 16.37
N PRO A 51 0.72 3.67 15.41
CA PRO A 51 -0.13 4.65 14.72
C PRO A 51 -1.37 4.08 14.03
N PHE A 52 -1.34 2.79 13.72
CA PHE A 52 -2.44 2.14 13.02
C PHE A 52 -3.49 1.56 13.93
N GLY A 53 -3.22 1.62 15.22
CA GLY A 53 -4.12 1.09 16.23
C GLY A 53 -3.30 0.64 17.42
N PRO A 54 -3.91 0.54 18.61
CA PRO A 54 -3.13 0.11 19.77
C PRO A 54 -2.74 -1.36 19.66
N ILE A 55 -1.45 -1.64 19.85
CA ILE A 55 -0.96 -3.01 19.76
C ILE A 55 -1.49 -3.85 20.95
N LYS A 56 -2.01 -5.02 20.62
CA LYS A 56 -2.55 -5.94 21.62
C LYS A 56 -1.38 -6.76 22.22
N SER A 57 -0.46 -7.17 21.36
CA SER A 57 0.72 -7.92 21.77
C SER A 57 1.68 -8.09 20.60
N ILE A 58 2.91 -8.49 20.91
CA ILE A 58 3.95 -8.71 19.93
C ILE A 58 4.68 -10.02 20.25
N ASP A 59 4.77 -10.91 19.26
CA ASP A 59 5.47 -12.18 19.45
C ASP A 59 6.81 -12.02 18.74
N MET A 60 7.86 -11.77 19.52
CA MET A 60 9.19 -11.59 18.96
C MET A 60 10.01 -12.88 18.93
N SER A 61 10.70 -13.10 17.81
CA SER A 61 11.54 -14.27 17.65
C SER A 61 12.66 -14.21 18.71
N TRP A 62 13.10 -15.38 19.20
CA TRP A 62 14.17 -15.44 20.19
C TRP A 62 15.12 -16.61 19.96
N ASP A 63 16.39 -16.28 19.79
CA ASP A 63 17.44 -17.26 19.54
C ASP A 63 18.09 -17.83 20.81
N SER A 64 18.25 -16.97 21.82
CA SER A 64 18.84 -17.38 23.11
C SER A 64 20.31 -17.78 23.14
N VAL A 65 20.73 -18.78 22.36
CA VAL A 65 22.13 -19.18 22.39
C VAL A 65 22.96 -17.94 22.15
N THR A 66 22.47 -17.07 21.27
CA THR A 66 23.14 -15.81 20.94
C THR A 66 22.43 -14.69 21.72
N MET A 67 21.33 -15.07 22.38
CA MET A 67 20.52 -14.14 23.18
C MET A 67 20.13 -12.89 22.38
N LYS A 68 19.67 -13.14 21.15
CA LYS A 68 19.20 -12.11 20.24
C LYS A 68 17.93 -12.60 19.50
N HIS A 69 17.13 -11.67 18.98
CA HIS A 69 15.93 -12.09 18.27
C HIS A 69 16.37 -12.54 16.90
N LYS A 70 15.51 -13.30 16.22
CA LYS A 70 15.86 -13.81 14.90
C LYS A 70 15.57 -12.84 13.75
N GLY A 71 15.33 -11.57 14.08
CA GLY A 71 15.08 -10.56 13.06
C GLY A 71 13.64 -10.42 12.54
N PHE A 72 12.68 -11.05 13.21
CA PHE A 72 11.29 -10.92 12.80
C PHE A 72 10.35 -10.98 13.99
N ALA A 73 9.14 -10.49 13.79
CA ALA A 73 8.15 -10.48 14.85
C ALA A 73 6.74 -10.50 14.26
N PHE A 74 5.76 -10.78 15.10
CA PHE A 74 4.37 -10.75 14.66
C PHE A 74 3.69 -9.76 15.59
N VAL A 75 3.19 -8.69 14.98
CA VAL A 75 2.49 -7.65 15.72
C VAL A 75 1.01 -8.02 15.64
N GLU A 76 0.34 -7.97 16.79
CA GLU A 76 -1.07 -8.29 16.85
C GLU A 76 -1.86 -7.05 17.25
N TYR A 77 -2.89 -6.73 16.47
CA TYR A 77 -3.73 -5.57 16.71
C TYR A 77 -5.09 -6.02 17.26
N GLU A 78 -5.86 -5.07 17.79
CA GLU A 78 -7.18 -5.40 18.32
C GLU A 78 -8.20 -5.64 17.20
N VAL A 79 -7.90 -5.13 16.00
CA VAL A 79 -8.82 -5.28 14.88
C VAL A 79 -8.11 -5.49 13.54
N PRO A 80 -8.75 -6.25 12.62
CA PRO A 80 -8.16 -6.51 11.31
C PRO A 80 -7.81 -5.26 10.50
N GLU A 81 -8.61 -4.20 10.61
CA GLU A 81 -8.35 -2.97 9.88
C GLU A 81 -7.00 -2.33 10.23
N ALA A 82 -6.57 -2.46 11.47
CA ALA A 82 -5.30 -1.88 11.87
C ALA A 82 -4.17 -2.62 11.17
N ALA A 83 -4.26 -3.95 11.15
CA ALA A 83 -3.21 -4.75 10.50
C ALA A 83 -3.19 -4.44 8.99
N GLN A 84 -4.36 -4.24 8.42
CA GLN A 84 -4.46 -3.92 7.00
C GLN A 84 -3.73 -2.61 6.69
N LEU A 85 -3.97 -1.57 7.48
CA LEU A 85 -3.29 -0.29 7.25
C LEU A 85 -1.79 -0.41 7.48
N ALA A 86 -1.39 -1.11 8.55
CA ALA A 86 0.03 -1.28 8.85
C ALA A 86 0.69 -1.98 7.68
N LEU A 87 -0.01 -2.94 7.09
CA LEU A 87 0.53 -3.68 5.98
C LEU A 87 0.77 -2.77 4.76
N GLU A 88 -0.18 -1.86 4.51
CA GLU A 88 -0.07 -0.94 3.38
C GLU A 88 0.87 0.25 3.61
N GLN A 89 1.09 0.64 4.86
CA GLN A 89 1.91 1.81 5.12
C GLN A 89 3.27 1.60 5.79
N MET A 90 3.51 0.44 6.40
CA MET A 90 4.79 0.23 7.07
C MET A 90 5.79 -0.59 6.27
N ASN A 91 5.32 -1.18 5.18
CA ASN A 91 6.21 -1.97 4.38
C ASN A 91 7.35 -1.12 3.85
N SER A 92 8.55 -1.68 3.88
CA SER A 92 9.79 -1.02 3.43
C SER A 92 10.20 0.25 4.15
N VAL A 93 9.56 0.55 5.27
CA VAL A 93 9.94 1.73 6.04
C VAL A 93 11.30 1.41 6.66
N MET A 94 12.18 2.39 6.69
CA MET A 94 13.52 2.19 7.21
C MET A 94 13.58 2.32 8.73
N LEU A 95 13.96 1.24 9.39
CA LEU A 95 14.07 1.25 10.85
C LEU A 95 15.41 0.64 11.20
N GLY A 96 16.17 1.35 12.03
CA GLY A 96 17.49 0.87 12.42
C GLY A 96 18.44 0.69 11.25
N GLY A 97 18.22 1.46 10.18
CA GLY A 97 19.09 1.36 9.03
C GLY A 97 18.67 0.31 8.00
N ARG A 98 17.65 -0.49 8.32
CA ARG A 98 17.18 -1.51 7.40
C ARG A 98 15.75 -1.23 6.99
N ASN A 99 15.39 -1.68 5.79
CA ASN A 99 14.03 -1.51 5.29
C ASN A 99 13.28 -2.74 5.81
N ILE A 100 12.41 -2.55 6.80
CA ILE A 100 11.65 -3.66 7.37
C ILE A 100 10.70 -4.20 6.32
N LYS A 101 10.28 -5.44 6.51
CA LYS A 101 9.35 -6.09 5.59
C LYS A 101 8.07 -6.38 6.37
N VAL A 102 6.92 -6.17 5.75
CA VAL A 102 5.65 -6.43 6.41
C VAL A 102 4.80 -7.31 5.52
N GLY A 103 4.21 -8.34 6.12
CA GLY A 103 3.38 -9.24 5.33
C GLY A 103 2.33 -9.91 6.19
N ARG A 104 1.46 -10.70 5.57
CA ARG A 104 0.42 -11.39 6.29
C ARG A 104 0.99 -12.74 6.75
N PRO A 105 0.57 -13.24 7.90
CA PRO A 105 1.04 -14.53 8.39
C PRO A 105 0.90 -15.60 7.26
N SER A 106 1.94 -16.41 7.10
CA SER A 106 1.99 -17.46 6.08
C SER A 106 1.20 -18.70 6.51
N ASN A 107 0.88 -18.77 7.79
CA ASN A 107 0.11 -19.86 8.38
C ASN A 107 -1.26 -19.99 7.73
N ILE A 108 -2.25 -19.40 8.38
CA ILE A 108 -3.63 -19.43 7.93
C ILE A 108 -4.13 -20.85 7.90
N GLY A 109 -3.63 -21.60 6.93
CA GLY A 109 -4.00 -22.98 6.74
C GLY A 109 -5.51 -23.14 6.67
N GLN A 110 -6.09 -22.95 5.50
CA GLN A 110 -7.54 -23.12 5.34
C GLN A 110 -8.40 -21.99 5.91
N ALA A 111 -7.78 -20.95 6.45
CA ALA A 111 -8.55 -19.83 6.98
C ALA A 111 -8.83 -18.86 5.84
N GLN A 112 -8.03 -18.99 4.77
CA GLN A 112 -8.16 -18.11 3.63
C GLN A 112 -9.58 -17.94 3.10
N PRO A 113 -10.36 -19.02 2.94
CA PRO A 113 -11.74 -18.88 2.44
C PRO A 113 -12.68 -18.07 3.34
N ILE A 114 -12.47 -18.15 4.65
CA ILE A 114 -13.32 -17.39 5.56
C ILE A 114 -12.92 -15.92 5.48
N ILE A 115 -11.62 -15.68 5.44
CA ILE A 115 -11.11 -14.33 5.33
C ILE A 115 -11.71 -13.70 4.07
N ASP A 116 -11.75 -14.46 2.97
CA ASP A 116 -12.30 -13.94 1.71
C ASP A 116 -13.78 -13.63 1.89
N GLN A 117 -14.49 -14.51 2.59
CA GLN A 117 -15.91 -14.30 2.83
C GLN A 117 -16.12 -13.00 3.63
N LEU A 118 -15.29 -12.77 4.65
CA LEU A 118 -15.42 -11.56 5.46
C LEU A 118 -15.17 -10.31 4.63
N ALA A 119 -14.17 -10.36 3.76
CA ALA A 119 -13.85 -9.22 2.92
C ALA A 119 -15.04 -8.91 2.00
N GLU A 120 -15.69 -9.96 1.53
CA GLU A 120 -16.86 -9.80 0.66
C GLU A 120 -18.03 -9.21 1.45
N GLU A 121 -18.26 -9.69 2.66
CA GLU A 121 -19.36 -9.18 3.48
C GLU A 121 -19.14 -7.71 3.82
N ALA A 122 -17.87 -7.34 3.99
CA ALA A 122 -17.51 -5.98 4.37
C ALA A 122 -17.93 -4.96 3.31
N ARG A 123 -17.84 -5.35 2.04
CA ARG A 123 -18.22 -4.44 0.95
C ARG A 123 -19.69 -4.02 0.97
N ALA A 124 -20.50 -4.71 1.75
CA ALA A 124 -21.93 -4.39 1.86
C ALA A 124 -22.19 -3.17 2.77
N PHE A 125 -21.13 -2.69 3.40
CA PHE A 125 -21.23 -1.53 4.30
C PHE A 125 -20.26 -0.45 3.79
N ASN A 126 -20.60 0.81 4.02
CA ASN A 126 -19.73 1.92 3.62
C ASN A 126 -19.06 2.35 4.92
N ARG A 127 -18.24 1.44 5.44
CA ARG A 127 -17.56 1.61 6.72
C ARG A 127 -16.06 1.90 6.55
N ILE A 128 -15.56 2.86 7.31
CA ILE A 128 -14.14 3.17 7.27
C ILE A 128 -13.57 3.05 8.68
N TYR A 129 -12.29 2.76 8.76
CA TYR A 129 -11.60 2.62 10.03
C TYR A 129 -10.72 3.84 10.19
N VAL A 130 -10.72 4.41 11.39
CA VAL A 130 -9.93 5.60 11.66
C VAL A 130 -9.04 5.34 12.88
N ALA A 131 -7.73 5.52 12.73
CA ALA A 131 -6.79 5.29 13.82
C ALA A 131 -6.00 6.57 14.08
N SER A 132 -5.26 6.58 15.19
CA SER A 132 -4.46 7.73 15.62
C SER A 132 -5.34 8.91 15.92
N VAL A 133 -6.47 8.64 16.57
CA VAL A 133 -7.42 9.69 16.96
C VAL A 133 -6.97 10.27 18.31
N HIS A 134 -6.62 11.55 18.30
CA HIS A 134 -6.16 12.20 19.52
C HIS A 134 -7.18 12.04 20.64
N GLN A 135 -6.68 11.89 21.87
CA GLN A 135 -7.53 11.70 23.03
C GLN A 135 -8.61 12.75 23.25
N ASP A 136 -8.30 14.00 22.94
CA ASP A 136 -9.26 15.08 23.14
C ASP A 136 -10.46 15.05 22.20
N LEU A 137 -10.33 14.42 21.04
CA LEU A 137 -11.48 14.36 20.13
C LEU A 137 -12.54 13.47 20.75
N SER A 138 -13.80 13.75 20.41
CA SER A 138 -14.94 12.97 20.89
C SER A 138 -15.63 12.38 19.65
N ASP A 139 -16.65 11.56 19.87
CA ASP A 139 -17.40 10.97 18.75
C ASP A 139 -18.04 12.05 17.87
N ASP A 140 -18.67 13.04 18.50
CA ASP A 140 -19.31 14.11 17.73
C ASP A 140 -18.28 14.96 17.01
N ASP A 141 -17.07 15.05 17.58
CA ASP A 141 -15.98 15.81 16.96
C ASP A 141 -15.64 15.12 15.64
N ILE A 142 -15.31 13.83 15.73
CA ILE A 142 -14.96 13.01 14.57
C ILE A 142 -16.06 13.03 13.56
N LYS A 143 -17.27 12.89 14.04
CA LYS A 143 -18.42 12.92 13.18
C LYS A 143 -18.56 14.19 12.34
N SER A 144 -18.50 15.35 13.00
CA SER A 144 -18.61 16.62 12.27
C SER A 144 -17.56 16.71 11.16
N VAL A 145 -16.31 16.42 11.52
CA VAL A 145 -15.22 16.45 10.56
C VAL A 145 -15.52 15.57 9.36
N PHE A 146 -15.81 14.31 9.62
CA PHE A 146 -16.07 13.34 8.55
C PHE A 146 -17.38 13.50 7.79
N GLU A 147 -18.38 14.13 8.39
CA GLU A 147 -19.64 14.31 7.67
C GLU A 147 -19.49 15.33 6.54
N ALA A 148 -18.29 15.90 6.40
CA ALA A 148 -18.06 16.86 5.33
C ALA A 148 -18.02 16.10 4.00
N PHE A 149 -17.81 14.79 4.06
CA PHE A 149 -17.72 13.96 2.87
C PHE A 149 -19.07 13.32 2.52
N GLY A 150 -20.02 13.42 3.43
CA GLY A 150 -21.33 12.83 3.20
C GLY A 150 -22.09 12.52 4.47
N LYS A 151 -23.38 12.18 4.32
CA LYS A 151 -24.22 11.85 5.46
C LYS A 151 -23.71 10.62 6.20
N ILE A 152 -23.64 10.70 7.52
CA ILE A 152 -23.15 9.59 8.33
C ILE A 152 -24.24 8.84 9.12
N LYS A 153 -24.22 7.52 9.04
CA LYS A 153 -25.17 6.66 9.74
C LYS A 153 -24.71 6.54 11.19
N SER A 154 -23.41 6.30 11.40
CA SER A 154 -22.85 6.21 12.75
C SER A 154 -21.36 6.51 12.76
N ALA A 155 -20.90 7.04 13.89
CA ALA A 155 -19.49 7.36 14.10
C ALA A 155 -19.24 6.94 15.54
N THR A 156 -18.43 5.91 15.74
CA THR A 156 -18.16 5.41 17.08
C THR A 156 -16.68 5.13 17.37
N LEU A 157 -16.19 5.66 18.49
CA LEU A 157 -14.80 5.45 18.90
C LEU A 157 -14.77 4.29 19.89
N ALA A 158 -13.88 3.33 19.67
CA ALA A 158 -13.76 2.19 20.57
C ALA A 158 -13.37 2.71 21.94
N ARG A 159 -13.90 2.07 22.97
CA ARG A 159 -13.68 2.46 24.35
C ARG A 159 -13.15 1.44 25.32
N ASP A 160 -12.39 1.92 26.29
CA ASP A 160 -11.91 1.04 27.32
C ASP A 160 -13.18 0.68 28.09
N PRO A 161 -13.47 -0.62 28.21
CA PRO A 161 -14.65 -1.09 28.92
C PRO A 161 -14.69 -0.69 30.39
N THR A 162 -13.53 -0.38 30.96
CA THR A 162 -13.45 0.01 32.36
C THR A 162 -13.54 1.50 32.57
N THR A 163 -12.68 2.25 31.90
CA THR A 163 -12.62 3.70 32.05
C THR A 163 -13.61 4.52 31.24
N GLY A 164 -13.88 4.10 30.01
CA GLY A 164 -14.81 4.85 29.19
C GLY A 164 -14.08 5.77 28.24
N LYS A 165 -12.76 5.82 28.38
CA LYS A 165 -11.95 6.67 27.51
C LYS A 165 -11.76 5.95 26.18
N HIS A 166 -11.74 6.68 25.06
CA HIS A 166 -11.57 6.02 23.77
C HIS A 166 -10.14 5.53 23.60
N LYS A 167 -9.98 4.50 22.78
CA LYS A 167 -8.69 3.88 22.56
C LYS A 167 -7.91 4.35 21.33
N GLY A 168 -8.20 5.56 20.89
CA GLY A 168 -7.48 6.10 19.75
C GLY A 168 -7.92 5.65 18.37
N TYR A 169 -9.04 4.94 18.27
CA TYR A 169 -9.49 4.50 16.96
C TYR A 169 -11.00 4.31 16.96
N GLY A 170 -11.58 4.23 15.76
CA GLY A 170 -13.01 4.02 15.67
C GLY A 170 -13.46 3.67 14.27
N PHE A 171 -14.77 3.56 14.08
CA PHE A 171 -15.36 3.24 12.78
C PHE A 171 -16.46 4.24 12.47
N ILE A 172 -16.62 4.51 11.18
CA ILE A 172 -17.61 5.45 10.69
C ILE A 172 -18.34 4.81 9.52
N GLU A 173 -19.66 4.82 9.57
CA GLU A 173 -20.47 4.26 8.50
C GLU A 173 -21.16 5.40 7.77
N TYR A 174 -21.05 5.39 6.46
CA TYR A 174 -21.67 6.42 5.62
C TYR A 174 -22.90 5.86 4.93
N GLU A 175 -23.79 6.75 4.52
CA GLU A 175 -24.99 6.33 3.81
C GLU A 175 -24.61 5.92 2.39
N LYS A 176 -23.64 6.62 1.82
CA LYS A 176 -23.21 6.34 0.46
C LYS A 176 -21.74 5.94 0.30
N ALA A 177 -21.50 5.02 -0.63
CA ALA A 177 -20.17 4.51 -0.92
C ALA A 177 -19.21 5.62 -1.39
N GLN A 178 -19.69 6.54 -2.21
CA GLN A 178 -18.84 7.61 -2.71
C GLN A 178 -18.33 8.45 -1.54
N SER A 179 -19.18 8.60 -0.53
CA SER A 179 -18.82 9.36 0.66
C SER A 179 -17.64 8.69 1.37
N SER A 180 -17.74 7.38 1.61
CA SER A 180 -16.67 6.64 2.28
C SER A 180 -15.39 6.66 1.46
N GLN A 181 -15.51 6.54 0.15
CA GLN A 181 -14.35 6.57 -0.74
C GLN A 181 -13.68 7.96 -0.70
N ASP A 182 -14.49 9.01 -0.71
CA ASP A 182 -13.96 10.37 -0.66
C ASP A 182 -13.26 10.60 0.68
N ALA A 183 -13.85 10.10 1.76
CA ALA A 183 -13.27 10.26 3.10
C ALA A 183 -11.89 9.59 3.24
N VAL A 184 -11.77 8.35 2.78
CA VAL A 184 -10.48 7.63 2.87
C VAL A 184 -9.43 8.40 2.09
N SER A 185 -9.78 8.77 0.86
CA SER A 185 -8.88 9.53 -0.02
C SER A 185 -8.42 10.86 0.57
N SER A 186 -9.33 11.58 1.23
CA SER A 186 -9.01 12.88 1.80
C SER A 186 -8.45 12.85 3.23
N MET A 187 -8.88 11.90 4.05
CA MET A 187 -8.45 11.88 5.44
C MET A 187 -7.30 10.97 5.87
N ASN A 188 -6.84 10.06 5.01
CA ASN A 188 -5.72 9.26 5.44
C ASN A 188 -4.50 10.17 5.48
N LEU A 189 -3.77 10.14 6.59
CA LEU A 189 -2.60 10.99 6.78
C LEU A 189 -3.00 12.47 6.94
N PHE A 190 -4.20 12.71 7.44
CA PHE A 190 -4.67 14.07 7.68
C PHE A 190 -4.20 14.48 9.09
N ASP A 191 -3.53 15.62 9.20
CA ASP A 191 -3.01 16.09 10.49
C ASP A 191 -4.14 16.61 11.38
N LEU A 192 -4.46 15.89 12.45
CA LEU A 192 -5.55 16.28 13.36
C LEU A 192 -5.14 16.19 14.82
N GLY A 193 -5.16 17.33 15.51
CA GLY A 193 -4.78 17.36 16.92
C GLY A 193 -3.30 17.13 17.15
N GLY A 194 -2.50 17.20 16.08
CA GLY A 194 -1.06 17.00 16.22
C GLY A 194 -0.56 15.69 15.65
N GLN A 195 -1.45 14.73 15.44
CA GLN A 195 -1.03 13.47 14.86
C GLN A 195 -1.67 13.25 13.49
N TYR A 196 -1.15 12.29 12.74
CA TYR A 196 -1.69 12.03 11.42
C TYR A 196 -2.64 10.85 11.47
N LEU A 197 -3.90 11.10 11.10
CA LEU A 197 -4.91 10.04 11.09
C LEU A 197 -4.48 8.98 10.09
N ARG A 198 -4.84 7.74 10.38
CA ARG A 198 -4.56 6.60 9.52
C ARG A 198 -5.96 6.09 9.22
N VAL A 199 -6.37 6.23 7.96
CA VAL A 199 -7.72 5.87 7.55
C VAL A 199 -7.76 4.84 6.43
N GLY A 200 -8.68 3.91 6.55
CA GLY A 200 -8.83 2.88 5.54
C GLY A 200 -10.22 2.29 5.52
N LYS A 201 -10.53 1.66 4.39
CA LYS A 201 -11.81 1.01 4.18
C LYS A 201 -11.87 -0.24 5.09
N ALA A 202 -13.06 -0.60 5.59
CA ALA A 202 -13.18 -1.76 6.47
C ALA A 202 -12.90 -3.06 5.70
N VAL A 203 -12.37 -4.07 6.39
CA VAL A 203 -12.06 -5.35 5.77
C VAL A 203 -12.94 -6.47 6.31
N THR A 204 -13.84 -6.11 7.21
CA THR A 204 -14.75 -7.06 7.79
C THR A 204 -16.06 -6.33 8.05
N PRO A 205 -17.17 -7.07 8.10
CA PRO A 205 -18.49 -6.49 8.36
C PRO A 205 -18.51 -6.06 9.85
N PRO A 206 -19.41 -5.12 10.23
CA PRO A 206 -19.55 -4.60 11.60
C PRO A 206 -19.62 -5.67 12.72
N MET A 207 -20.63 -6.54 12.66
CA MET A 207 -20.77 -7.56 13.71
C MET A 207 -20.56 -8.91 13.07
N PRO A 208 -19.33 -9.18 12.62
CA PRO A 208 -18.92 -10.41 11.93
C PRO A 208 -19.35 -11.70 12.57
N LEU A 209 -19.49 -11.67 13.89
CA LEU A 209 -19.84 -12.87 14.65
C LEU A 209 -21.33 -13.07 14.90
N LEU A 210 -22.17 -12.16 14.42
CA LEU A 210 -23.62 -12.33 14.65
C LEU A 210 -24.31 -13.30 13.66
N THR A 211 -25.36 -14.02 14.07
CA THR A 211 -25.95 -14.93 13.08
C THR A 211 -25.28 -14.89 11.70
C ARG B 15 19.17 20.08 -7.00
N GLY B 16 20.40 19.59 -7.06
CA GLY B 16 20.69 18.39 -7.81
C GLY B 16 21.12 18.69 -9.24
N SER B 17 22.32 18.26 -9.60
CA SER B 17 22.81 18.48 -10.95
C SER B 17 22.06 17.48 -11.80
N ALA B 18 22.01 17.73 -13.11
CA ALA B 18 21.32 16.82 -14.02
C ALA B 18 21.80 15.38 -13.79
N ALA B 19 23.10 15.21 -13.51
CA ALA B 19 23.67 13.87 -13.28
C ALA B 19 23.17 13.25 -11.99
N GLN B 20 23.07 14.06 -10.94
CA GLN B 20 22.61 13.58 -9.63
C GLN B 20 21.15 13.16 -9.75
N ARG B 21 20.35 14.00 -10.38
CA ARG B 21 18.94 13.71 -10.56
C ARG B 21 18.75 12.41 -11.35
N GLN B 22 19.51 12.24 -12.42
CA GLN B 22 19.38 11.02 -13.21
C GLN B 22 19.76 9.80 -12.39
N GLY B 23 20.79 9.93 -11.55
CA GLY B 23 21.18 8.80 -10.72
C GLY B 23 20.07 8.38 -9.76
N ALA B 24 19.36 9.37 -9.23
CA ALA B 24 18.26 9.12 -8.31
C ALA B 24 17.09 8.46 -9.02
N LEU B 25 16.75 9.00 -10.19
CA LEU B 25 15.65 8.48 -10.97
C LEU B 25 15.84 6.99 -11.25
N ALA B 26 17.07 6.59 -11.54
CA ALA B 26 17.37 5.18 -11.83
C ALA B 26 17.11 4.32 -10.60
N ILE B 27 17.54 4.80 -9.43
CA ILE B 27 17.34 4.04 -8.20
C ILE B 27 15.84 3.95 -7.90
N MET B 28 15.15 5.06 -8.15
CA MET B 28 13.71 5.13 -7.92
C MET B 28 12.93 4.21 -8.85
N SER B 29 13.56 3.77 -9.93
CA SER B 29 12.88 2.90 -10.88
C SER B 29 13.04 1.41 -10.59
N ARG B 30 13.76 1.07 -9.53
CA ARG B 30 13.99 -0.35 -9.18
C ARG B 30 13.38 -0.75 -7.85
N VAL B 31 12.88 -1.99 -7.76
CA VAL B 31 12.35 -2.47 -6.49
C VAL B 31 12.99 -3.80 -6.14
N TYR B 32 13.21 -3.97 -4.85
CA TYR B 32 13.77 -5.20 -4.32
C TYR B 32 12.60 -6.16 -4.21
N VAL B 33 12.82 -7.40 -4.61
CA VAL B 33 11.80 -8.42 -4.50
C VAL B 33 12.45 -9.63 -3.82
N GLY B 34 11.96 -9.95 -2.63
CA GLY B 34 12.54 -11.06 -1.88
C GLY B 34 11.57 -12.17 -1.55
N SER B 35 12.13 -13.24 -0.98
CA SER B 35 11.37 -14.42 -0.59
C SER B 35 10.74 -15.09 -1.80
N ILE B 36 11.51 -15.16 -2.89
CA ILE B 36 11.05 -15.78 -4.12
C ILE B 36 11.25 -17.30 -4.05
N TYR B 37 10.17 -18.05 -4.22
CA TYR B 37 10.21 -19.51 -4.19
C TYR B 37 11.29 -20.02 -5.14
N TYR B 38 12.09 -20.97 -4.66
CA TYR B 38 13.18 -21.51 -5.46
C TYR B 38 12.80 -21.98 -6.86
N GLU B 39 11.60 -22.51 -7.03
CA GLU B 39 11.19 -22.99 -8.35
C GLU B 39 10.82 -21.88 -9.33
N LEU B 40 10.53 -20.69 -8.82
CA LEU B 40 10.14 -19.58 -9.68
C LEU B 40 11.33 -18.92 -10.35
N GLY B 41 11.13 -18.43 -11.56
CA GLY B 41 12.19 -17.78 -12.30
C GLY B 41 11.85 -16.39 -12.82
N GLU B 42 12.77 -15.83 -13.60
CA GLU B 42 12.59 -14.50 -14.17
C GLU B 42 11.23 -14.28 -14.82
N ASP B 43 10.77 -15.24 -15.63
CA ASP B 43 9.50 -15.10 -16.32
C ASP B 43 8.28 -14.96 -15.41
N THR B 44 8.28 -15.68 -14.29
CA THR B 44 7.18 -15.62 -13.33
C THR B 44 7.16 -14.22 -12.73
N ILE B 45 8.33 -13.76 -12.33
CA ILE B 45 8.47 -12.43 -11.72
C ILE B 45 7.99 -11.35 -12.70
N ARG B 46 8.46 -11.44 -13.94
CA ARG B 46 8.10 -10.49 -14.98
C ARG B 46 6.59 -10.40 -15.12
N GLN B 47 5.95 -11.57 -15.24
CA GLN B 47 4.52 -11.65 -15.40
C GLN B 47 3.77 -11.02 -14.23
N ALA B 48 4.31 -11.21 -13.03
CA ALA B 48 3.70 -10.69 -11.82
C ALA B 48 3.86 -9.18 -11.63
N PHE B 49 4.97 -8.61 -12.12
CA PHE B 49 5.24 -7.19 -11.97
C PHE B 49 4.95 -6.30 -13.18
N ALA B 50 4.73 -6.93 -14.34
CA ALA B 50 4.44 -6.20 -15.57
C ALA B 50 3.18 -5.29 -15.55
N PRO B 51 2.15 -5.64 -14.74
CA PRO B 51 0.96 -4.79 -14.72
C PRO B 51 1.16 -3.34 -14.34
N PHE B 52 2.28 -2.99 -13.73
CA PHE B 52 2.50 -1.60 -13.29
C PHE B 52 3.43 -0.85 -14.22
N GLY B 53 3.79 -1.52 -15.29
CA GLY B 53 4.56 -0.88 -16.34
C GLY B 53 5.44 -1.93 -16.98
N PRO B 54 5.89 -1.72 -18.21
CA PRO B 54 6.74 -2.74 -18.82
C PRO B 54 8.13 -2.80 -18.16
N ILE B 55 8.53 -4.01 -17.81
CA ILE B 55 9.82 -4.24 -17.16
C ILE B 55 10.97 -3.93 -18.12
N LYS B 56 11.93 -3.16 -17.64
CA LYS B 56 13.11 -2.79 -18.45
C LYS B 56 14.15 -3.92 -18.34
N SER B 57 14.28 -4.47 -17.15
CA SER B 57 15.21 -5.56 -16.89
C SER B 57 15.03 -6.06 -15.46
N ILE B 58 15.56 -7.25 -15.19
CA ILE B 58 15.52 -7.86 -13.88
C ILE B 58 16.89 -8.43 -13.53
N ASP B 59 17.41 -8.08 -12.36
CA ASP B 59 18.70 -8.60 -11.93
C ASP B 59 18.41 -9.67 -10.88
N MET B 60 18.47 -10.92 -11.29
CA MET B 60 18.19 -12.03 -10.39
C MET B 60 19.45 -12.55 -9.70
N SER B 61 19.33 -12.83 -8.41
CA SER B 61 20.43 -13.35 -7.62
C SER B 61 20.79 -14.75 -8.15
N TRP B 62 22.05 -15.14 -8.05
CA TRP B 62 22.45 -16.46 -8.53
C TRP B 62 23.65 -17.05 -7.80
N ASP B 63 23.53 -18.33 -7.44
CA ASP B 63 24.61 -19.04 -6.75
C ASP B 63 25.17 -20.14 -7.64
N SER B 64 26.45 -20.00 -7.95
CA SER B 64 27.19 -20.92 -8.81
C SER B 64 27.36 -22.35 -8.30
N VAL B 65 27.39 -22.53 -6.98
CA VAL B 65 27.58 -23.86 -6.43
C VAL B 65 26.29 -24.65 -6.38
N THR B 66 25.21 -23.98 -6.01
CA THR B 66 23.91 -24.63 -5.91
C THR B 66 23.14 -24.63 -7.23
N MET B 67 23.54 -23.76 -8.15
CA MET B 67 22.89 -23.63 -9.44
C MET B 67 21.45 -23.18 -9.32
N LYS B 68 21.26 -22.03 -8.69
CA LYS B 68 19.95 -21.45 -8.51
C LYS B 68 20.02 -20.07 -7.89
N HIS B 69 18.91 -19.34 -7.93
CA HIS B 69 18.91 -17.99 -7.38
C HIS B 69 18.88 -18.02 -5.87
N LYS B 70 19.26 -16.88 -5.27
CA LYS B 70 19.31 -16.69 -3.83
C LYS B 70 17.97 -16.28 -3.22
N GLY B 71 16.88 -16.34 -3.99
CA GLY B 71 15.58 -15.98 -3.46
C GLY B 71 15.17 -14.51 -3.53
N PHE B 72 15.94 -13.70 -4.24
CA PHE B 72 15.58 -12.28 -4.39
C PHE B 72 16.00 -11.75 -5.74
N ALA B 73 15.42 -10.61 -6.13
CA ALA B 73 15.72 -10.01 -7.41
C ALA B 73 15.43 -8.52 -7.37
N PHE B 74 15.93 -7.79 -8.36
CA PHE B 74 15.68 -6.36 -8.46
C PHE B 74 14.99 -6.17 -9.80
N VAL B 75 13.76 -5.70 -9.75
CA VAL B 75 13.00 -5.44 -10.97
C VAL B 75 13.20 -3.97 -11.30
N GLU B 76 13.53 -3.70 -12.56
CA GLU B 76 13.73 -2.32 -12.99
C GLU B 76 12.66 -1.92 -13.99
N TYR B 77 12.02 -0.78 -13.75
CA TYR B 77 10.99 -0.27 -14.63
C TYR B 77 11.52 0.92 -15.41
N GLU B 78 10.76 1.34 -16.42
CA GLU B 78 11.18 2.48 -17.23
C GLU B 78 10.93 3.80 -16.52
N VAL B 79 10.05 3.81 -15.52
CA VAL B 79 9.76 5.05 -14.78
C VAL B 79 9.56 4.80 -13.29
N PRO B 80 9.88 5.79 -12.44
CA PRO B 80 9.73 5.71 -10.99
C PRO B 80 8.32 5.38 -10.53
N GLU B 81 7.31 5.91 -11.22
CA GLU B 81 5.93 5.66 -10.84
C GLU B 81 5.52 4.19 -10.91
N ALA B 82 6.08 3.44 -11.84
CA ALA B 82 5.77 2.02 -11.93
C ALA B 82 6.31 1.30 -10.70
N ALA B 83 7.53 1.64 -10.30
CA ALA B 83 8.13 0.99 -9.14
C ALA B 83 7.33 1.35 -7.88
N GLN B 84 6.86 2.59 -7.80
CA GLN B 84 6.08 3.01 -6.66
C GLN B 84 4.77 2.21 -6.56
N LEU B 85 4.08 2.01 -7.68
CA LEU B 85 2.84 1.24 -7.65
C LEU B 85 3.11 -0.22 -7.30
N ALA B 86 4.17 -0.78 -7.89
CA ALA B 86 4.52 -2.17 -7.63
C ALA B 86 4.80 -2.33 -6.15
N LEU B 87 5.46 -1.33 -5.56
CA LEU B 87 5.79 -1.35 -4.15
C LEU B 87 4.54 -1.39 -3.28
N GLU B 88 3.55 -0.59 -3.65
CA GLU B 88 2.32 -0.53 -2.88
C GLU B 88 1.32 -1.65 -3.15
N GLN B 89 1.41 -2.31 -4.30
CA GLN B 89 0.45 -3.36 -4.62
C GLN B 89 0.95 -4.81 -4.70
N MET B 90 2.25 -5.01 -4.79
CA MET B 90 2.78 -6.38 -4.89
C MET B 90 3.34 -6.92 -3.60
N ASN B 91 3.49 -6.06 -2.60
CA ASN B 91 4.01 -6.56 -1.36
C ASN B 91 3.09 -7.62 -0.76
N SER B 92 3.71 -8.64 -0.20
CA SER B 92 3.03 -9.77 0.44
C SER B 92 2.09 -10.59 -0.46
N VAL B 93 2.14 -10.37 -1.77
CA VAL B 93 1.32 -11.17 -2.67
C VAL B 93 1.93 -12.56 -2.66
N MET B 94 1.09 -13.58 -2.69
CA MET B 94 1.59 -14.94 -2.66
C MET B 94 1.93 -15.50 -4.03
N LEU B 95 3.18 -15.88 -4.19
CA LEU B 95 3.70 -16.41 -5.44
C LEU B 95 4.48 -17.68 -5.11
N GLY B 96 4.14 -18.76 -5.80
CA GLY B 96 4.82 -20.01 -5.54
C GLY B 96 4.69 -20.43 -4.09
N GLY B 97 3.52 -20.17 -3.51
CA GLY B 97 3.28 -20.57 -2.13
C GLY B 97 3.89 -19.70 -1.04
N ARG B 98 4.68 -18.71 -1.43
CA ARG B 98 5.31 -17.81 -0.46
C ARG B 98 4.80 -16.39 -0.65
N ASN B 99 4.77 -15.63 0.43
CA ASN B 99 4.36 -14.23 0.35
C ASN B 99 5.65 -13.48 0.01
N ILE B 100 5.76 -12.98 -1.21
CA ILE B 100 6.94 -12.26 -1.63
C ILE B 100 7.03 -10.94 -0.87
N LYS B 101 8.23 -10.39 -0.80
CA LYS B 101 8.43 -9.13 -0.12
C LYS B 101 8.92 -8.12 -1.15
N VAL B 102 8.44 -6.89 -1.04
CA VAL B 102 8.85 -5.85 -1.98
C VAL B 102 9.32 -4.64 -1.21
N GLY B 103 10.45 -4.09 -1.62
CA GLY B 103 10.97 -2.91 -0.94
C GLY B 103 11.83 -2.06 -1.85
N ARG B 104 12.28 -0.92 -1.37
CA ARG B 104 13.11 -0.06 -2.17
C ARG B 104 14.57 -0.50 -1.94
N PRO B 105 15.42 -0.32 -2.95
CA PRO B 105 16.83 -0.68 -2.83
C PRO B 105 17.42 -0.05 -1.56
N SER B 106 18.19 -0.86 -0.84
CA SER B 106 18.84 -0.45 0.40
C SER B 106 20.10 0.36 0.15
N ASN B 107 20.60 0.32 -1.07
CA ASN B 107 21.82 1.07 -1.38
C ASN B 107 21.62 2.58 -1.38
N ILE B 108 21.22 3.14 -2.52
CA ILE B 108 21.01 4.58 -2.67
C ILE B 108 22.25 5.37 -2.28
N GLY B 109 22.65 5.24 -1.02
CA GLY B 109 23.83 5.93 -0.56
C GLY B 109 23.89 7.40 -0.91
N GLN B 110 23.18 8.23 -0.16
CA GLN B 110 23.30 9.65 -0.40
C GLN B 110 22.43 10.15 -1.58
N ALA B 111 21.66 9.25 -2.18
CA ALA B 111 20.73 9.63 -3.23
C ALA B 111 19.41 10.05 -2.61
N GLN B 112 19.21 9.68 -1.34
CA GLN B 112 17.94 10.01 -0.67
C GLN B 112 17.54 11.46 -0.71
N PRO B 113 18.47 12.40 -0.51
CA PRO B 113 18.04 13.80 -0.55
C PRO B 113 17.55 14.27 -1.93
N ILE B 114 18.10 13.69 -2.99
CA ILE B 114 17.69 14.06 -4.35
C ILE B 114 16.28 13.49 -4.58
N ILE B 115 16.11 12.24 -4.17
CA ILE B 115 14.83 11.57 -4.29
C ILE B 115 13.78 12.40 -3.57
N ASP B 116 14.12 12.89 -2.37
CA ASP B 116 13.18 13.69 -1.60
C ASP B 116 12.85 14.98 -2.35
N GLN B 117 13.86 15.59 -2.94
CA GLN B 117 13.64 16.81 -3.70
C GLN B 117 12.70 16.55 -4.89
N LEU B 118 12.88 15.42 -5.57
CA LEU B 118 12.03 15.10 -6.72
C LEU B 118 10.58 14.89 -6.27
N ALA B 119 10.38 14.23 -5.14
CA ALA B 119 9.04 13.99 -4.63
C ALA B 119 8.38 15.33 -4.30
N GLU B 120 9.17 16.28 -3.79
CA GLU B 120 8.63 17.59 -3.47
C GLU B 120 8.27 18.37 -4.74
N GLU B 121 9.14 18.29 -5.74
CA GLU B 121 8.87 18.98 -7.00
C GLU B 121 7.64 18.41 -7.70
N ALA B 122 7.41 17.11 -7.53
CA ALA B 122 6.28 16.45 -8.16
C ALA B 122 4.93 16.98 -7.64
N ARG B 123 4.88 17.36 -6.36
CA ARG B 123 3.65 17.87 -5.77
C ARG B 123 3.15 19.15 -6.44
N ALA B 124 4.01 19.81 -7.21
CA ALA B 124 3.64 21.05 -7.88
C ALA B 124 2.81 20.83 -9.16
N PHE B 125 2.63 19.55 -9.52
CA PHE B 125 1.86 19.18 -10.70
C PHE B 125 0.75 18.24 -10.25
N ASN B 126 -0.38 18.26 -10.95
CA ASN B 126 -1.51 17.39 -10.65
C ASN B 126 -1.42 16.29 -11.69
N ARG B 127 -0.32 15.54 -11.62
CA ARG B 127 -0.01 14.48 -12.56
C ARG B 127 -0.23 13.08 -11.99
N ILE B 128 -0.85 12.21 -12.79
CA ILE B 128 -1.08 10.83 -12.39
C ILE B 128 -0.43 9.90 -13.40
N TYR B 129 -0.07 8.72 -12.94
CA TYR B 129 0.55 7.73 -13.80
C TYR B 129 -0.49 6.64 -14.00
N VAL B 130 -0.64 6.19 -15.25
CA VAL B 130 -1.59 5.14 -15.59
C VAL B 130 -0.87 4.00 -16.29
N ALA B 131 -1.03 2.78 -15.78
CA ALA B 131 -0.38 1.61 -16.37
C ALA B 131 -1.43 0.56 -16.71
N SER B 132 -1.02 -0.47 -17.44
CA SER B 132 -1.92 -1.55 -17.88
C SER B 132 -2.96 -1.00 -18.84
N VAL B 133 -2.54 -0.09 -19.71
CA VAL B 133 -3.44 0.50 -20.70
C VAL B 133 -3.50 -0.40 -21.92
N HIS B 134 -4.67 -0.96 -22.18
CA HIS B 134 -4.87 -1.85 -23.33
C HIS B 134 -4.38 -1.20 -24.62
N GLN B 135 -3.76 -2.01 -25.49
CA GLN B 135 -3.21 -1.56 -26.76
C GLN B 135 -4.20 -0.80 -27.64
N ASP B 136 -5.47 -1.19 -27.64
CA ASP B 136 -6.45 -0.53 -28.49
C ASP B 136 -6.86 0.88 -28.06
N LEU B 137 -6.65 1.22 -26.79
CA LEU B 137 -6.98 2.56 -26.32
C LEU B 137 -6.00 3.54 -26.96
N SER B 138 -6.45 4.77 -27.16
CA SER B 138 -5.64 5.83 -27.74
C SER B 138 -5.57 6.96 -26.70
N ASP B 139 -4.79 8.00 -27.00
CA ASP B 139 -4.65 9.13 -26.08
C ASP B 139 -5.99 9.81 -25.83
N ASP B 140 -6.75 10.04 -26.90
CA ASP B 140 -8.06 10.69 -26.81
C ASP B 140 -9.03 9.80 -26.03
N ASP B 141 -8.85 8.49 -26.15
CA ASP B 141 -9.73 7.57 -25.45
C ASP B 141 -9.49 7.70 -23.96
N ILE B 142 -8.24 7.61 -23.55
CA ILE B 142 -7.87 7.74 -22.14
C ILE B 142 -8.30 9.10 -21.63
N LYS B 143 -8.08 10.13 -22.45
CA LYS B 143 -8.45 11.48 -22.06
C LYS B 143 -9.95 11.59 -21.74
N SER B 144 -10.80 11.14 -22.65
CA SER B 144 -12.24 11.22 -22.43
C SER B 144 -12.64 10.55 -21.12
N VAL B 145 -12.16 9.33 -20.92
CA VAL B 145 -12.45 8.59 -19.71
C VAL B 145 -12.07 9.38 -18.47
N PHE B 146 -10.81 9.78 -18.42
CA PHE B 146 -10.30 10.51 -17.29
C PHE B 146 -10.80 11.93 -17.08
N GLU B 147 -11.23 12.60 -18.14
CA GLU B 147 -11.71 13.96 -17.93
C GLU B 147 -13.06 13.99 -17.24
N ALA B 148 -13.56 12.81 -16.86
CA ALA B 148 -14.82 12.75 -16.13
C ALA B 148 -14.57 13.25 -14.71
N PHE B 149 -13.32 13.26 -14.29
CA PHE B 149 -12.98 13.70 -12.93
C PHE B 149 -12.51 15.15 -12.88
N GLY B 150 -12.36 15.75 -14.06
CA GLY B 150 -11.97 17.15 -14.12
C GLY B 150 -11.29 17.53 -15.41
N LYS B 151 -11.11 18.85 -15.62
CA LYS B 151 -10.46 19.35 -16.84
C LYS B 151 -9.01 18.86 -16.94
N ILE B 152 -8.63 18.40 -18.11
CA ILE B 152 -7.28 17.87 -18.36
C ILE B 152 -6.37 18.79 -19.17
N LYS B 153 -5.17 19.02 -18.67
CA LYS B 153 -4.18 19.85 -19.36
C LYS B 153 -3.54 19.01 -20.46
N SER B 154 -3.18 17.77 -20.12
CA SER B 154 -2.57 16.86 -21.08
C SER B 154 -2.77 15.39 -20.71
N ALA B 155 -2.83 14.55 -21.73
CA ALA B 155 -2.98 13.11 -21.54
C ALA B 155 -2.10 12.50 -22.61
N THR B 156 -1.01 11.86 -22.20
CA THR B 156 -0.11 11.28 -23.18
C THR B 156 0.39 9.87 -22.84
N LEU B 157 0.30 8.98 -23.82
CA LEU B 157 0.75 7.60 -23.64
C LEU B 157 2.17 7.46 -24.17
N ALA B 158 3.05 6.86 -23.38
CA ALA B 158 4.45 6.67 -23.80
C ALA B 158 4.45 5.80 -25.03
N ARG B 159 5.34 6.11 -25.96
CA ARG B 159 5.39 5.35 -27.20
C ARG B 159 6.74 4.83 -27.61
N ASP B 160 6.72 3.72 -28.32
CA ASP B 160 7.95 3.13 -28.83
C ASP B 160 8.47 4.15 -29.83
N PRO B 161 9.72 4.60 -29.63
CA PRO B 161 10.32 5.59 -30.53
C PRO B 161 10.45 5.12 -31.97
N THR B 162 10.42 3.81 -32.18
CA THR B 162 10.55 3.25 -33.51
C THR B 162 9.21 3.00 -34.19
N THR B 163 8.34 2.26 -33.50
CA THR B 163 7.02 1.90 -34.03
C THR B 163 5.93 2.96 -33.94
N GLY B 164 5.86 3.64 -32.80
CA GLY B 164 4.83 4.64 -32.62
C GLY B 164 3.68 4.07 -31.83
N LYS B 165 3.75 2.77 -31.51
CA LYS B 165 2.71 2.13 -30.70
C LYS B 165 2.95 2.48 -29.24
N HIS B 166 1.88 2.67 -28.46
CA HIS B 166 2.08 3.03 -27.06
C HIS B 166 2.54 1.82 -26.27
N LYS B 167 3.25 2.07 -25.17
CA LYS B 167 3.84 1.03 -24.35
C LYS B 167 3.02 0.56 -23.14
N GLY B 168 1.71 0.78 -23.20
CA GLY B 168 0.88 0.35 -22.11
C GLY B 168 0.79 1.26 -20.90
N TYR B 169 1.36 2.46 -20.98
CA TYR B 169 1.27 3.36 -19.84
C TYR B 169 1.38 4.80 -20.28
N GLY B 170 0.98 5.73 -19.40
CA GLY B 170 1.07 7.13 -19.74
C GLY B 170 0.89 8.02 -18.53
N PHE B 171 0.86 9.33 -18.77
CA PHE B 171 0.70 10.34 -17.72
C PHE B 171 -0.43 11.28 -18.10
N ILE B 172 -1.16 11.76 -17.11
CA ILE B 172 -2.25 12.70 -17.31
C ILE B 172 -2.12 13.81 -16.29
N GLU B 173 -2.18 15.05 -16.77
CA GLU B 173 -2.08 16.19 -15.88
C GLU B 173 -3.43 16.90 -15.86
N TYR B 174 -3.90 17.19 -14.67
CA TYR B 174 -5.17 17.86 -14.47
C TYR B 174 -4.95 19.31 -14.07
N GLU B 175 -5.97 20.12 -14.28
CA GLU B 175 -5.90 21.53 -13.90
C GLU B 175 -5.97 21.65 -12.40
N LYS B 176 -6.76 20.79 -11.78
CA LYS B 176 -6.94 20.83 -10.34
C LYS B 176 -6.54 19.57 -9.57
N ALA B 177 -5.97 19.79 -8.40
CA ALA B 177 -5.52 18.71 -7.52
C ALA B 177 -6.65 17.75 -7.12
N GLN B 178 -7.82 18.31 -6.84
CA GLN B 178 -8.98 17.51 -6.45
C GLN B 178 -9.31 16.52 -7.56
N SER B 179 -9.16 16.98 -8.81
CA SER B 179 -9.43 16.13 -9.97
C SER B 179 -8.49 14.93 -10.00
N SER B 180 -7.20 15.19 -9.84
CA SER B 180 -6.20 14.10 -9.85
C SER B 180 -6.43 13.14 -8.68
N GLN B 181 -6.77 13.68 -7.51
CA GLN B 181 -7.04 12.85 -6.33
C GLN B 181 -8.27 11.97 -6.57
N ASP B 182 -9.31 12.55 -7.16
CA ASP B 182 -10.53 11.80 -7.44
C ASP B 182 -10.26 10.69 -8.46
N ALA B 183 -9.44 11.00 -9.47
CA ALA B 183 -9.09 10.05 -10.52
C ALA B 183 -8.34 8.83 -9.97
N VAL B 184 -7.32 9.06 -9.14
CA VAL B 184 -6.55 7.97 -8.56
C VAL B 184 -7.47 7.07 -7.75
N SER B 185 -8.27 7.69 -6.88
CA SER B 185 -9.19 6.98 -6.04
C SER B 185 -10.23 6.15 -6.81
N SER B 186 -10.73 6.68 -7.92
CA SER B 186 -11.73 5.96 -8.69
C SER B 186 -11.18 5.03 -9.78
N MET B 187 -10.03 5.35 -10.36
CA MET B 187 -9.52 4.55 -11.45
C MET B 187 -8.44 3.49 -11.18
N ASN B 188 -7.86 3.46 -9.99
CA ASN B 188 -6.87 2.43 -9.71
C ASN B 188 -7.63 1.11 -9.62
N LEU B 189 -7.19 0.11 -10.37
CA LEU B 189 -7.86 -1.19 -10.41
C LEU B 189 -9.21 -1.14 -11.13
N PHE B 190 -9.37 -0.18 -12.04
CA PHE B 190 -10.60 -0.05 -12.82
C PHE B 190 -10.45 -0.98 -14.03
N ASP B 191 -11.44 -1.85 -14.28
CA ASP B 191 -11.33 -2.78 -15.42
C ASP B 191 -11.65 -2.08 -16.72
N LEU B 192 -10.64 -1.94 -17.58
CA LEU B 192 -10.76 -1.28 -18.88
C LEU B 192 -10.14 -2.11 -20.01
N GLY B 193 -10.97 -2.48 -20.98
CA GLY B 193 -10.49 -3.27 -22.11
C GLY B 193 -10.10 -4.69 -21.74
N GLY B 194 -10.49 -5.12 -20.54
CA GLY B 194 -10.16 -6.48 -20.10
C GLY B 194 -9.07 -6.56 -19.05
N GLN B 195 -8.32 -5.49 -18.87
CA GLN B 195 -7.23 -5.44 -17.89
C GLN B 195 -7.60 -4.45 -16.77
N TYR B 196 -6.93 -4.55 -15.64
CA TYR B 196 -7.22 -3.62 -14.55
C TYR B 196 -6.15 -2.53 -14.54
N LEU B 197 -6.57 -1.28 -14.71
CA LEU B 197 -5.63 -0.18 -14.72
C LEU B 197 -4.96 -0.08 -13.37
N ARG B 198 -3.71 0.38 -13.38
CA ARG B 198 -2.94 0.58 -12.15
C ARG B 198 -2.64 2.07 -12.21
N VAL B 199 -3.24 2.81 -11.28
CA VAL B 199 -3.13 4.25 -11.26
C VAL B 199 -2.55 4.80 -9.97
N GLY B 200 -1.72 5.81 -10.11
CA GLY B 200 -1.10 6.41 -8.96
C GLY B 200 -0.64 7.82 -9.23
N LYS B 201 -0.46 8.55 -8.15
CA LYS B 201 0.03 9.91 -8.20
C LYS B 201 1.52 9.93 -8.62
N ALA B 202 1.93 10.96 -9.35
CA ALA B 202 3.32 11.04 -9.83
C ALA B 202 4.28 11.20 -8.66
N VAL B 203 5.51 10.69 -8.80
CA VAL B 203 6.51 10.80 -7.73
C VAL B 203 7.69 11.65 -8.18
N THR B 204 7.62 12.15 -9.41
CA THR B 204 8.66 12.99 -9.97
C THR B 204 7.99 14.04 -10.84
N PRO B 205 8.64 15.20 -11.03
CA PRO B 205 8.01 16.22 -11.88
C PRO B 205 8.17 15.74 -13.34
N PRO B 206 7.33 16.26 -14.26
CA PRO B 206 7.38 15.88 -15.68
C PRO B 206 8.74 15.86 -16.38
N MET B 207 9.43 16.99 -16.42
CA MET B 207 10.75 16.99 -17.07
C MET B 207 11.84 17.22 -16.03
N PRO B 208 12.01 16.25 -15.11
CA PRO B 208 12.97 16.23 -14.01
C PRO B 208 14.39 16.66 -14.36
N LEU B 209 14.85 16.36 -15.58
CA LEU B 209 16.20 16.75 -15.91
C LEU B 209 16.32 18.12 -16.58
N LEU B 210 15.18 18.76 -16.84
CA LEU B 210 15.17 20.10 -17.42
C LEU B 210 15.80 20.95 -16.32
CL CL D . -15.74 -3.35 14.51
#